data_9GVE
#
_entry.id   9GVE
#
_cell.length_a   60.136
_cell.length_b   96.473
_cell.length_c   179.171
_cell.angle_alpha   90.000
_cell.angle_beta   90.000
_cell.angle_gamma   90.000
#
_symmetry.space_group_name_H-M   'I 2 2 2'
#
loop_
_entity.id
_entity.type
_entity.pdbx_description
1 polymer 'Multifunctional alkaline phosphatase superfamily protein pRL90232'
2 non-polymer 'MANGANESE (II) ION'
3 non-polymer 'phenylphosphonic acid'
4 non-polymer 'ACETATE ION'
5 non-polymer 'SODIUM ION'
6 water water
#
_entity_poly.entity_id   1
_entity_poly.type   'polypeptide(L)'
_entity_poly.pdbx_seq_one_letter_code
;MASWSHPQFEKGAETAVPNSSSVPGDPSSMRKKNVLLIVVDQWRADFVPHVLRADGKIDFLKTPNLDRLCREGVTFRNHV
TTCVP(DDZ)GPARASLLTGLYLMNHRAVQNTVPLDQRHLNLGKALRGVGYDPALIGYTTTVPDPRTTSPNDPRFRVLGD
LMDGFHPVGAFEPNMEGYFGWVAQNGFDLPEHRPDIWLPEGEDAVAGATDRPSRIPKEFSDSTFFTERALTYLKGRDGKP
FFLHLGYYRPHPPFVASAPYHAMYRPEDMPAPIRAANPDIEAAQHPLMKFYVDSIRRGSFFQGAEGSGATLDEAELRQMR
ATYCGLITEVDDCLGRVFSYLDETGQWDDTLIIFTSDHGEQLGDHHLLGKIGYNDPSFRIPLVIKDAGENARAGAIESGF
TESIDVMPTILDWLGGKIPHACDGLSLLPFLSEGRPQDWRTELHYEYDFRDVYYSEPQSFLGLGMNDCSLCVIQDERYKY
VHFAALPPLFFDLRHDPNEFTNLADDPAYAALVRDYAQKALSWRLKHADRTLTHYRSGPEGLSERSH
;
_entity_poly.pdbx_strand_id   A
#
# COMPACT_ATOMS: atom_id res chain seq x y z
N ARG A 31 -8.58 29.96 -1.41
CA ARG A 31 -7.69 30.48 -0.38
C ARG A 31 -7.51 29.46 0.74
N LYS A 32 -8.61 28.88 1.21
CA LYS A 32 -8.53 27.75 2.13
C LYS A 32 -8.01 26.53 1.38
N LYS A 33 -7.17 25.75 2.05
CA LYS A 33 -6.59 24.55 1.45
C LYS A 33 -6.82 23.36 2.36
N ASN A 34 -7.44 22.32 1.82
CA ASN A 34 -7.61 21.05 2.51
C ASN A 34 -6.81 19.97 1.78
N VAL A 35 -6.44 18.94 2.52
CA VAL A 35 -5.81 17.74 1.95
C VAL A 35 -6.58 16.52 2.44
N LEU A 36 -7.07 15.72 1.49
CA LEU A 36 -7.68 14.43 1.79
C LEU A 36 -6.78 13.36 1.19
N LEU A 37 -6.08 12.63 2.06
CA LEU A 37 -5.22 11.51 1.66
C LEU A 37 -5.99 10.20 1.92
N ILE A 38 -6.45 9.58 0.84
CA ILE A 38 -7.19 8.33 0.93
C ILE A 38 -6.19 7.20 0.76
N VAL A 39 -6.08 6.34 1.77
CA VAL A 39 -5.17 5.20 1.72
C VAL A 39 -6.00 3.94 1.90
N VAL A 40 -6.22 3.20 0.80
CA VAL A 40 -6.83 1.88 0.89
C VAL A 40 -5.73 0.86 1.16
N ASP A 41 -6.11 -0.41 1.31
CA ASP A 41 -5.14 -1.46 1.67
C ASP A 41 -5.29 -2.62 0.70
N GLN A 42 -4.17 -3.04 0.09
CA GLN A 42 -4.11 -4.29 -0.67
C GLN A 42 -4.79 -4.19 -2.05
N TRP A 43 -4.89 -2.97 -2.60
CA TRP A 43 -5.57 -2.69 -3.88
C TRP A 43 -4.55 -2.57 -5.01
N ARG A 44 -4.67 -3.42 -6.03
CA ARG A 44 -3.69 -3.54 -7.11
C ARG A 44 -3.81 -2.41 -8.12
N ALA A 45 -2.67 -2.04 -8.72
CA ALA A 45 -2.67 -0.98 -9.72
C ALA A 45 -3.43 -1.37 -10.97
N ASP A 46 -3.49 -2.65 -11.32
CA ASP A 46 -4.23 -3.09 -12.50
C ASP A 46 -5.71 -3.32 -12.24
N PHE A 47 -6.21 -2.88 -11.08
CA PHE A 47 -7.65 -2.85 -10.82
C PHE A 47 -8.12 -1.39 -10.75
N VAL A 48 -7.68 -0.59 -11.71
CA VAL A 48 -8.03 0.82 -11.82
C VAL A 48 -8.67 1.04 -13.17
N PRO A 49 -10.01 1.16 -13.23
CA PRO A 49 -10.71 1.21 -14.52
C PRO A 49 -10.20 2.25 -15.52
N HIS A 50 -9.81 3.44 -15.06
CA HIS A 50 -9.36 4.49 -15.97
C HIS A 50 -8.18 4.01 -16.81
N VAL A 51 -7.23 3.30 -16.20
CA VAL A 51 -6.08 2.80 -16.94
C VAL A 51 -6.49 1.65 -17.86
N LEU A 52 -7.32 0.73 -17.36
CA LEU A 52 -7.79 -0.37 -18.19
C LEU A 52 -8.42 0.15 -19.49
N ARG A 53 -9.30 1.15 -19.37
CA ARG A 53 -9.97 1.68 -20.56
C ARG A 53 -8.99 2.36 -21.49
N ALA A 54 -7.99 3.06 -20.92
CA ALA A 54 -7.01 3.72 -21.77
C ALA A 54 -6.22 2.73 -22.61
N ASP A 55 -5.99 1.53 -22.07
CA ASP A 55 -5.26 0.50 -22.80
C ASP A 55 -6.19 -0.36 -23.65
N GLY A 56 -7.47 0.02 -23.76
CA GLY A 56 -8.40 -0.76 -24.55
C GLY A 56 -8.79 -2.08 -23.93
N LYS A 57 -8.58 -2.26 -22.64
CA LYS A 57 -9.00 -3.47 -21.96
C LYS A 57 -10.40 -3.30 -21.40
N ILE A 58 -11.06 -4.42 -21.13
CA ILE A 58 -12.36 -4.36 -20.45
C ILE A 58 -12.15 -3.93 -19.01
N ASP A 59 -12.87 -2.88 -18.59
CA ASP A 59 -12.89 -2.51 -17.18
C ASP A 59 -13.95 -3.35 -16.48
N PHE A 60 -13.50 -4.49 -15.94
CA PHE A 60 -14.36 -5.51 -15.37
C PHE A 60 -14.86 -5.18 -13.97
N LEU A 61 -14.48 -4.03 -13.41
CA LEU A 61 -15.04 -3.61 -12.13
C LEU A 61 -15.48 -2.16 -12.21
N LYS A 62 -16.40 -1.81 -11.30
CA LYS A 62 -17.05 -0.51 -11.28
CA LYS A 62 -17.05 -0.51 -11.28
C LYS A 62 -16.48 0.31 -10.13
N THR A 63 -15.91 1.47 -10.44
CA THR A 63 -15.45 2.43 -9.42
C THR A 63 -15.74 3.84 -9.90
N PRO A 64 -17.02 4.23 -9.98
CA PRO A 64 -17.36 5.56 -10.54
C PRO A 64 -16.77 6.74 -9.77
N ASN A 65 -16.58 6.62 -8.46
CA ASN A 65 -16.04 7.75 -7.70
C ASN A 65 -14.53 7.88 -7.88
N LEU A 66 -13.80 6.77 -7.91
CA LEU A 66 -12.40 6.84 -8.31
C LEU A 66 -12.29 7.35 -9.74
N ASP A 67 -13.18 6.89 -10.63
CA ASP A 67 -13.18 7.38 -12.00
C ASP A 67 -13.35 8.89 -12.06
N ARG A 68 -14.15 9.46 -11.14
CA ARG A 68 -14.28 10.92 -11.10
C ARG A 68 -12.95 11.58 -10.80
N LEU A 69 -12.23 11.09 -9.79
CA LEU A 69 -10.89 11.62 -9.50
C LEU A 69 -9.99 11.52 -10.72
N CYS A 70 -10.04 10.39 -11.42
CA CYS A 70 -9.21 10.23 -12.61
C CYS A 70 -9.57 11.23 -13.69
N ARG A 71 -10.87 11.48 -13.91
CA ARG A 71 -11.28 12.44 -14.94
C ARG A 71 -10.84 13.85 -14.59
N GLU A 72 -10.83 14.18 -13.30
CA GLU A 72 -10.53 15.55 -12.88
C GLU A 72 -9.05 15.75 -12.58
N GLY A 73 -8.29 14.68 -12.39
CA GLY A 73 -6.90 14.78 -11.96
C GLY A 73 -5.92 14.00 -12.83
N VAL A 74 -4.78 13.62 -12.25
CA VAL A 74 -3.73 12.87 -12.94
C VAL A 74 -3.65 11.49 -12.33
N THR A 75 -3.67 10.48 -13.18
CA THR A 75 -3.54 9.08 -12.80
C THR A 75 -2.10 8.66 -13.09
N PHE A 76 -1.40 8.18 -12.07
CA PHE A 76 -0.02 7.75 -12.21
C PHE A 76 -0.03 6.24 -12.42
N ARG A 77 0.40 5.79 -13.62
CA ARG A 77 0.26 4.38 -13.95
C ARG A 77 1.48 3.54 -13.58
N ASN A 78 2.57 4.15 -13.12
CA ASN A 78 3.78 3.43 -12.75
C ASN A 78 4.21 3.80 -11.33
N HIS A 79 3.28 3.65 -10.39
CA HIS A 79 3.52 3.99 -9.00
C HIS A 79 3.74 2.69 -8.22
N VAL A 80 4.72 2.70 -7.32
CA VAL A 80 4.97 1.54 -6.47
C VAL A 80 5.06 1.96 -5.02
N THR A 81 4.67 1.05 -4.13
CA THR A 81 5.14 1.14 -2.75
C THR A 81 6.59 0.68 -2.70
N THR A 82 7.38 1.33 -1.84
CA THR A 82 8.80 0.99 -1.77
C THR A 82 9.08 -0.21 -0.88
N CYS A 83 8.06 -0.77 -0.23
CA CYS A 83 8.21 -2.00 0.54
C CYS A 83 6.84 -2.51 0.94
N VAL A 84 6.80 -3.77 1.37
CA VAL A 84 5.61 -4.43 1.88
C VAL A 84 6.00 -5.22 3.10
N PRO A 85 5.05 -5.60 3.98
CA PRO A 85 3.59 -5.40 4.01
C PRO A 85 3.18 -4.06 4.64
N GLY A 87 3.14 -2.47 7.70
CA GLY A 87 4.02 -1.73 8.59
C GLY A 87 5.13 -1.02 7.83
N PRO A 88 5.91 -1.79 7.07
CA PRO A 88 6.96 -1.14 6.25
C PRO A 88 6.39 -0.15 5.25
N ALA A 89 5.34 -0.54 4.53
CA ALA A 89 4.78 0.33 3.50
C ALA A 89 4.26 1.63 4.10
N ARG A 90 3.59 1.56 5.25
CA ARG A 90 3.10 2.78 5.88
C ARG A 90 4.23 3.60 6.50
N ALA A 91 5.29 2.97 6.99
CA ALA A 91 6.45 3.74 7.41
C ALA A 91 7.02 4.55 6.24
N SER A 92 7.15 3.93 5.05
CA SER A 92 7.63 4.67 3.89
C SER A 92 6.67 5.79 3.49
N LEU A 93 5.37 5.48 3.46
CA LEU A 93 4.38 6.50 3.05
C LEU A 93 4.40 7.70 4.00
N LEU A 94 4.52 7.45 5.31
CA LEU A 94 4.37 8.48 6.31
C LEU A 94 5.69 9.08 6.78
N THR A 95 6.83 8.66 6.21
CA THR A 95 8.10 9.34 6.46
C THR A 95 8.77 9.83 5.20
N GLY A 96 8.34 9.38 4.02
CA GLY A 96 9.07 9.73 2.81
C GLY A 96 10.42 9.06 2.70
N LEU A 97 10.63 7.96 3.44
CA LEU A 97 11.91 7.26 3.47
C LEU A 97 11.80 5.86 2.90
N TYR A 98 12.85 5.45 2.19
CA TYR A 98 13.00 4.04 1.83
C TYR A 98 13.18 3.21 3.11
N LEU A 99 12.84 1.92 3.00
CA LEU A 99 13.09 0.96 4.08
C LEU A 99 14.56 0.96 4.51
N MET A 100 15.48 1.15 3.56
CA MET A 100 16.90 1.20 3.90
C MET A 100 17.20 2.28 4.93
N ASN A 101 16.33 3.28 5.04
CA ASN A 101 16.50 4.34 6.02
C ASN A 101 15.54 4.27 7.20
N HIS A 102 14.26 3.93 7.00
CA HIS A 102 13.35 3.93 8.14
C HIS A 102 13.55 2.71 9.03
N ARG A 103 13.99 1.58 8.47
CA ARG A 103 14.36 0.37 9.21
C ARG A 103 13.18 -0.32 9.89
N ALA A 104 11.94 0.09 9.62
CA ALA A 104 10.78 -0.67 10.09
C ALA A 104 10.58 -1.78 9.05
N VAL A 105 11.47 -2.78 9.13
CA VAL A 105 11.70 -3.66 7.98
C VAL A 105 10.61 -4.71 7.77
N GLN A 106 9.83 -5.01 8.81
CA GLN A 106 8.74 -5.98 8.72
C GLN A 106 7.64 -5.56 9.70
N ASN A 107 6.46 -6.16 9.55
CA ASN A 107 5.50 -6.04 10.63
C ASN A 107 6.13 -6.59 11.90
N THR A 108 5.78 -6.01 13.04
CA THR A 108 6.30 -6.32 14.38
C THR A 108 7.67 -5.72 14.69
N VAL A 109 8.33 -5.03 13.77
CA VAL A 109 9.65 -4.45 14.00
C VAL A 109 9.49 -2.96 14.30
N PRO A 110 10.12 -2.45 15.36
CA PRO A 110 9.89 -1.04 15.77
C PRO A 110 10.32 -0.02 14.73
N LEU A 111 9.60 1.12 14.72
CA LEU A 111 9.98 2.32 13.97
C LEU A 111 10.72 3.28 14.90
N ASP A 112 11.98 3.55 14.57
CA ASP A 112 12.81 4.46 15.35
C ASP A 112 12.15 5.84 15.43
N GLN A 113 12.08 6.41 16.64
CA GLN A 113 11.42 7.69 16.83
C GLN A 113 12.16 8.86 16.17
N ARG A 114 13.42 8.66 15.73
CA ARG A 114 14.17 9.78 15.16
CA ARG A 114 14.18 9.77 15.15
C ARG A 114 13.59 10.25 13.83
N HIS A 115 12.90 9.37 13.10
CA HIS A 115 12.41 9.75 11.78
C HIS A 115 11.24 10.73 11.92
N LEU A 116 11.30 11.81 11.14
CA LEU A 116 10.22 12.79 11.12
C LEU A 116 9.09 12.23 10.27
N ASN A 117 7.89 12.13 10.85
CA ASN A 117 6.78 11.59 10.11
C ASN A 117 5.84 12.71 9.65
N LEU A 118 4.90 12.34 8.77
CA LEU A 118 3.98 13.30 8.18
C LEU A 118 3.12 14.00 9.22
N GLY A 119 2.77 13.30 10.31
CA GLY A 119 1.96 13.91 11.35
C GLY A 119 2.67 15.08 12.00
N LYS A 120 3.92 14.87 12.42
CA LYS A 120 4.70 15.94 13.02
C LYS A 120 5.01 17.04 12.01
N ALA A 121 5.24 16.68 10.76
CA ALA A 121 5.51 17.70 9.75
C ALA A 121 4.27 18.55 9.49
N LEU A 122 3.08 17.94 9.53
CA LEU A 122 1.85 18.70 9.36
C LEU A 122 1.68 19.73 10.47
N ARG A 123 1.97 19.35 11.71
CA ARG A 123 1.91 20.33 12.79
CA ARG A 123 1.91 20.33 12.80
C ARG A 123 2.87 21.49 12.53
N GLY A 124 3.99 21.22 11.87
CA GLY A 124 4.93 22.26 11.51
C GLY A 124 4.38 23.29 10.55
N VAL A 125 3.35 22.95 9.79
CA VAL A 125 2.69 23.93 8.91
C VAL A 125 1.31 24.32 9.44
N GLY A 126 1.04 24.06 10.71
CA GLY A 126 -0.20 24.54 11.30
C GLY A 126 -1.41 23.66 11.07
N TYR A 127 -1.23 22.45 10.57
CA TYR A 127 -2.35 21.56 10.30
C TYR A 127 -2.47 20.47 11.36
N ASP A 128 -3.71 20.16 11.72
CA ASP A 128 -3.95 19.03 12.60
C ASP A 128 -3.87 17.73 11.80
N PRO A 129 -3.05 16.78 12.21
CA PRO A 129 -2.82 15.56 11.43
C PRO A 129 -3.86 14.49 11.75
N ALA A 130 -5.11 14.77 11.41
CA ALA A 130 -6.21 13.86 11.72
C ALA A 130 -6.11 12.59 10.89
N LEU A 131 -6.35 11.45 11.55
CA LEU A 131 -6.17 10.16 10.90
C LEU A 131 -7.30 9.20 11.26
N ILE A 132 -7.83 8.54 10.23
CA ILE A 132 -8.79 7.45 10.34
C ILE A 132 -8.13 6.20 9.76
N GLY A 133 -8.36 5.06 10.39
CA GLY A 133 -7.79 3.81 9.93
C GLY A 133 -6.72 3.32 10.88
N TYR A 134 -5.48 3.18 10.40
CA TYR A 134 -4.42 2.58 11.19
C TYR A 134 -3.09 2.85 10.49
N THR A 135 -2.00 2.68 11.24
CA THR A 135 -0.66 2.79 10.65
C THR A 135 0.22 1.57 10.89
N THR A 136 -0.17 0.69 11.81
CA THR A 136 0.56 -0.56 12.08
C THR A 136 2.02 -0.26 12.42
N THR A 137 2.21 0.54 13.45
CA THR A 137 3.54 1.03 13.86
C THR A 137 3.89 0.47 15.23
N VAL A 138 5.00 -0.25 15.31
CA VAL A 138 5.52 -0.71 16.61
C VAL A 138 6.31 0.43 17.23
N PRO A 139 6.03 0.79 18.49
CA PRO A 139 6.75 1.89 19.13
C PRO A 139 8.23 1.57 19.32
N ASP A 140 9.02 2.63 19.42
CA ASP A 140 10.44 2.55 19.73
C ASP A 140 10.59 2.11 21.18
N PRO A 141 11.26 0.99 21.46
CA PRO A 141 11.36 0.50 22.85
C PRO A 141 12.10 1.44 23.79
N ARG A 142 12.86 2.40 23.25
CA ARG A 142 13.58 3.35 24.10
C ARG A 142 12.68 4.44 24.66
N THR A 143 11.44 4.52 24.18
CA THR A 143 10.51 5.60 24.51
C THR A 143 9.38 5.16 25.43
N THR A 144 9.29 3.88 25.78
CA THR A 144 8.12 3.39 26.51
C THR A 144 8.53 2.16 27.30
N SER A 145 7.67 1.76 28.24
CA SER A 145 7.93 0.57 29.01
C SER A 145 7.89 -0.68 28.13
N PRO A 146 8.71 -1.69 28.43
CA PRO A 146 8.62 -2.97 27.70
C PRO A 146 7.31 -3.71 27.96
N ASN A 147 6.54 -3.31 28.97
CA ASN A 147 5.25 -3.91 29.25
C ASN A 147 4.12 -3.24 28.48
N ASP A 148 4.44 -2.22 27.67
CA ASP A 148 3.43 -1.47 26.92
C ASP A 148 2.55 -2.43 26.13
N PRO A 149 1.22 -2.32 26.26
CA PRO A 149 0.35 -3.22 25.48
C PRO A 149 0.51 -3.10 23.98
N ARG A 150 1.09 -2.00 23.49
CA ARG A 150 1.31 -1.88 22.04
C ARG A 150 2.35 -2.86 21.52
N PHE A 151 3.09 -3.53 22.40
CA PHE A 151 4.03 -4.56 21.98
C PHE A 151 3.41 -5.96 21.89
N ARG A 152 2.10 -6.06 22.13
CA ARG A 152 1.38 -7.32 22.00
C ARG A 152 0.76 -7.52 20.63
N VAL A 153 0.77 -6.50 19.79
CA VAL A 153 0.03 -6.49 18.53
C VAL A 153 1.00 -6.24 17.38
N LEU A 154 0.48 -6.38 16.15
CA LEU A 154 1.28 -6.11 14.96
C LEU A 154 1.80 -4.68 14.94
N GLY A 155 1.05 -3.75 15.51
CA GLY A 155 1.41 -2.34 15.55
C GLY A 155 0.24 -1.56 16.06
N ASP A 156 0.50 -0.29 16.37
CA ASP A 156 -0.54 0.63 16.82
C ASP A 156 -0.31 1.96 16.11
N LEU A 157 -1.03 2.99 16.55
CA LEU A 157 -0.94 4.29 15.89
C LEU A 157 0.45 4.90 16.01
N MET A 158 0.95 5.41 14.88
CA MET A 158 2.23 6.10 14.84
C MET A 158 2.18 7.39 15.66
N ASP A 159 3.20 7.61 16.47
CA ASP A 159 3.27 8.79 17.31
CA ASP A 159 3.28 8.79 17.32
C ASP A 159 3.27 10.05 16.46
N GLY A 160 2.40 11.00 16.81
CA GLY A 160 2.33 12.26 16.11
C GLY A 160 1.06 12.51 15.33
N PHE A 161 0.20 11.51 15.20
CA PHE A 161 -1.08 11.69 14.53
C PHE A 161 -2.21 11.92 15.53
N HIS A 162 -3.29 12.52 15.05
CA HIS A 162 -4.47 12.78 15.86
C HIS A 162 -5.56 11.80 15.45
N PRO A 163 -5.82 10.74 16.21
CA PRO A 163 -6.75 9.70 15.73
C PRO A 163 -8.19 10.13 15.91
N VAL A 164 -8.97 10.03 14.83
CA VAL A 164 -10.39 10.41 14.88
C VAL A 164 -11.26 9.29 14.32
N GLY A 165 -10.69 8.11 14.13
CA GLY A 165 -11.45 6.97 13.67
C GLY A 165 -10.60 5.72 13.58
N ALA A 166 -10.05 5.30 14.70
CA ALA A 166 -9.06 4.24 14.72
C ALA A 166 -9.71 2.87 14.63
N PHE A 167 -9.15 2.02 13.76
CA PHE A 167 -9.51 0.60 13.77
C PHE A 167 -9.23 0.00 15.13
N GLU A 168 -8.12 0.43 15.74
CA GLU A 168 -7.57 -0.04 17.00
C GLU A 168 -6.93 -1.40 16.78
N PRO A 169 -6.00 -1.80 17.65
CA PRO A 169 -5.48 -3.16 17.57
C PRO A 169 -6.59 -4.16 17.85
N ASN A 170 -6.52 -5.30 17.17
CA ASN A 170 -7.57 -6.31 17.19
C ASN A 170 -8.90 -5.76 16.67
N MET A 171 -8.86 -4.61 15.99
CA MET A 171 -10.04 -3.97 15.40
CA MET A 171 -10.04 -3.98 15.40
C MET A 171 -11.10 -3.66 16.45
N GLU A 172 -10.67 -3.38 17.68
CA GLU A 172 -11.60 -3.13 18.77
C GLU A 172 -12.47 -1.91 18.51
N GLY A 173 -11.93 -0.91 17.83
CA GLY A 173 -12.72 0.29 17.56
C GLY A 173 -13.89 -0.04 16.67
N TYR A 174 -13.64 -0.82 15.62
CA TYR A 174 -14.70 -1.25 14.72
C TYR A 174 -15.72 -2.13 15.44
N PHE A 175 -15.25 -3.16 16.15
CA PHE A 175 -16.18 -4.08 16.80
C PHE A 175 -17.02 -3.39 17.87
N GLY A 176 -16.41 -2.48 18.64
CA GLY A 176 -17.20 -1.72 19.60
C GLY A 176 -18.29 -0.89 18.94
N TRP A 177 -17.98 -0.30 17.80
CA TRP A 177 -18.98 0.46 17.05
C TRP A 177 -20.09 -0.46 16.54
N VAL A 178 -19.74 -1.67 16.07
CA VAL A 178 -20.76 -2.62 15.66
C VAL A 178 -21.66 -2.97 16.83
N ALA A 179 -21.07 -3.34 17.97
CA ALA A 179 -21.86 -3.72 19.14
C ALA A 179 -22.75 -2.57 19.62
N GLN A 180 -22.21 -1.34 19.63
CA GLN A 180 -23.01 -0.21 20.08
C GLN A 180 -24.15 0.10 19.12
N ASN A 181 -23.99 -0.26 17.85
CA ASN A 181 -25.06 -0.17 16.86
C ASN A 181 -26.12 -1.25 17.04
N GLY A 182 -25.96 -2.15 18.01
CA GLY A 182 -27.00 -3.12 18.33
C GLY A 182 -26.88 -4.45 17.65
N PHE A 183 -25.81 -4.70 16.91
CA PHE A 183 -25.63 -5.95 16.19
C PHE A 183 -24.91 -6.95 17.11
N ASP A 184 -25.50 -8.14 17.28
CA ASP A 184 -24.93 -9.15 18.15
C ASP A 184 -23.76 -9.81 17.44
N LEU A 185 -22.59 -9.79 18.06
CA LEU A 185 -21.40 -10.38 17.47
C LEU A 185 -21.19 -11.79 17.98
N PRO A 186 -20.55 -12.67 17.19
CA PRO A 186 -20.21 -14.00 17.69
C PRO A 186 -19.09 -13.93 18.73
N GLU A 187 -18.94 -15.06 19.43
CA GLU A 187 -17.97 -15.13 20.52
C GLU A 187 -16.56 -14.81 20.03
N HIS A 188 -16.15 -15.43 18.93
CA HIS A 188 -14.94 -15.03 18.22
C HIS A 188 -15.35 -14.04 17.15
N ARG A 189 -15.03 -12.76 17.39
CA ARG A 189 -15.62 -11.70 16.56
C ARG A 189 -15.25 -11.77 15.08
N PRO A 190 -14.05 -12.19 14.66
CA PRO A 190 -13.78 -12.32 13.23
C PRO A 190 -14.66 -13.33 12.51
N ASP A 191 -15.40 -14.17 13.24
CA ASP A 191 -16.34 -15.07 12.59
C ASP A 191 -17.50 -14.35 11.92
N ILE A 192 -17.62 -13.02 12.06
CA ILE A 192 -18.53 -12.30 11.17
C ILE A 192 -18.13 -12.46 9.71
N TRP A 193 -16.89 -12.89 9.44
CA TRP A 193 -16.38 -13.03 8.09
C TRP A 193 -16.43 -14.47 7.57
N LEU A 194 -17.02 -15.39 8.32
CA LEU A 194 -17.36 -16.69 7.78
C LEU A 194 -18.47 -16.50 6.75
N PRO A 195 -18.54 -17.34 5.72
CA PRO A 195 -19.63 -17.23 4.75
C PRO A 195 -20.95 -17.51 5.45
N GLU A 196 -22.00 -16.85 4.98
CA GLU A 196 -23.31 -16.99 5.60
C GLU A 196 -23.79 -18.43 5.48
N GLY A 197 -24.38 -18.94 6.57
CA GLY A 197 -24.90 -20.29 6.58
C GLY A 197 -24.03 -21.28 7.33
N GLU A 198 -24.62 -22.02 8.28
CA GLU A 198 -23.84 -22.97 9.07
C GLU A 198 -23.24 -24.09 8.22
N ASP A 199 -23.84 -24.38 7.06
CA ASP A 199 -23.30 -25.38 6.14
C ASP A 199 -22.20 -24.84 5.24
N ALA A 200 -21.84 -23.56 5.37
CA ALA A 200 -20.88 -22.97 4.44
C ALA A 200 -19.49 -23.56 4.66
N VAL A 201 -18.78 -23.77 3.56
CA VAL A 201 -17.38 -24.18 3.62
C VAL A 201 -16.50 -22.95 3.53
N ALA A 202 -15.60 -22.80 4.51
CA ALA A 202 -14.72 -21.65 4.52
C ALA A 202 -13.75 -21.70 3.34
N GLY A 203 -13.44 -20.53 2.79
CA GLY A 203 -12.60 -20.40 1.61
C GLY A 203 -13.22 -19.40 0.65
N ALA A 204 -12.77 -19.42 -0.61
CA ALA A 204 -13.42 -18.61 -1.62
C ALA A 204 -14.90 -18.97 -1.69
N THR A 205 -15.77 -17.98 -1.77
CA THR A 205 -17.19 -18.23 -1.58
C THR A 205 -18.03 -17.34 -2.48
N ASP A 206 -19.19 -17.88 -2.89
CA ASP A 206 -20.24 -17.09 -3.54
C ASP A 206 -21.31 -16.60 -2.57
N ARG A 207 -21.11 -16.77 -1.27
CA ARG A 207 -22.03 -16.36 -0.22
C ARG A 207 -21.59 -15.05 0.40
N PRO A 208 -22.53 -14.29 0.97
CA PRO A 208 -22.14 -13.04 1.66
C PRO A 208 -21.52 -13.35 3.02
N SER A 209 -20.86 -12.33 3.57
CA SER A 209 -20.40 -12.48 4.94
C SER A 209 -21.60 -12.41 5.89
N ARG A 210 -21.31 -12.60 7.18
CA ARG A 210 -22.31 -12.57 8.22
C ARG A 210 -22.45 -11.19 8.87
N ILE A 211 -22.05 -10.13 8.16
CA ILE A 211 -22.17 -8.76 8.65
C ILE A 211 -22.92 -7.95 7.61
N PRO A 212 -23.99 -7.25 7.99
CA PRO A 212 -24.71 -6.42 7.02
C PRO A 212 -23.85 -5.26 6.54
N LYS A 213 -24.18 -4.78 5.34
CA LYS A 213 -23.47 -3.65 4.74
C LYS A 213 -23.43 -2.44 5.65
N GLU A 214 -24.55 -2.13 6.32
CA GLU A 214 -24.60 -0.93 7.17
C GLU A 214 -23.66 -1.02 8.37
N PHE A 215 -23.17 -2.21 8.71
CA PHE A 215 -22.23 -2.38 9.81
C PHE A 215 -20.86 -2.88 9.32
N SER A 216 -20.55 -2.70 8.03
CA SER A 216 -19.26 -3.14 7.51
C SER A 216 -18.14 -2.21 7.96
N ASP A 217 -16.90 -2.70 7.83
CA ASP A 217 -15.78 -1.86 8.23
C ASP A 217 -15.62 -0.65 7.31
N SER A 218 -15.96 -0.78 6.04
CA SER A 218 -15.91 0.38 5.16
C SER A 218 -16.94 1.43 5.56
N THR A 219 -18.15 0.99 5.94
CA THR A 219 -19.12 1.94 6.48
C THR A 219 -18.59 2.64 7.73
N PHE A 220 -17.93 1.89 8.62
CA PHE A 220 -17.37 2.48 9.84
C PHE A 220 -16.40 3.61 9.53
N PHE A 221 -15.38 3.35 8.70
CA PHE A 221 -14.40 4.40 8.46
C PHE A 221 -15.05 5.61 7.79
N THR A 222 -16.05 5.37 6.94
CA THR A 222 -16.75 6.46 6.27
C THR A 222 -17.52 7.31 7.27
N GLU A 223 -18.21 6.67 8.23
CA GLU A 223 -18.93 7.44 9.25
C GLU A 223 -17.96 8.28 10.08
N ARG A 224 -16.77 7.75 10.37
CA ARG A 224 -15.77 8.55 11.07
C ARG A 224 -15.33 9.74 10.24
N ALA A 225 -15.19 9.55 8.93
CA ALA A 225 -14.80 10.64 8.04
C ALA A 225 -15.86 11.74 8.03
N LEU A 226 -17.14 11.35 7.93
CA LEU A 226 -18.20 12.35 7.90
C LEU A 226 -18.30 13.10 9.23
N THR A 227 -18.16 12.37 10.35
CA THR A 227 -18.15 13.00 11.67
C THR A 227 -17.04 14.02 11.77
N TYR A 228 -15.82 13.65 11.33
CA TYR A 228 -14.70 14.58 11.42
C TYR A 228 -14.91 15.80 10.54
N LEU A 229 -15.36 15.59 9.29
CA LEU A 229 -15.55 16.73 8.40
C LEU A 229 -16.67 17.64 8.90
N LYS A 230 -17.73 17.06 9.45
CA LYS A 230 -18.79 17.90 10.00
C LYS A 230 -18.31 18.67 11.23
N GLY A 231 -17.44 18.07 12.03
CA GLY A 231 -16.87 18.80 13.17
C GLY A 231 -16.01 19.97 12.74
N ARG A 232 -15.30 19.82 11.62
CA ARG A 232 -14.45 20.91 11.12
C ARG A 232 -15.27 22.11 10.67
N ASP A 233 -16.46 21.88 10.12
CA ASP A 233 -17.40 22.96 9.79
C ASP A 233 -16.78 24.01 8.86
N GLY A 234 -16.02 23.55 7.88
CA GLY A 234 -15.44 24.42 6.88
C GLY A 234 -14.02 24.88 7.16
N LYS A 235 -13.50 24.66 8.35
CA LYS A 235 -12.12 25.05 8.64
C LYS A 235 -11.16 24.16 7.84
N PRO A 236 -9.96 24.67 7.53
CA PRO A 236 -8.99 23.86 6.74
C PRO A 236 -8.65 22.57 7.45
N PHE A 237 -8.50 21.50 6.66
CA PHE A 237 -8.25 20.20 7.24
C PHE A 237 -7.19 19.44 6.46
N PHE A 238 -6.44 18.61 7.18
CA PHE A 238 -5.81 17.42 6.64
C PHE A 238 -6.54 16.21 7.21
N LEU A 239 -6.83 15.22 6.35
CA LEU A 239 -7.42 13.98 6.83
C LEU A 239 -6.79 12.82 6.08
N HIS A 240 -6.18 11.89 6.83
CA HIS A 240 -5.77 10.59 6.29
C HIS A 240 -6.99 9.68 6.46
N LEU A 241 -7.66 9.38 5.34
CA LEU A 241 -8.85 8.53 5.36
C LEU A 241 -8.41 7.13 4.95
N GLY A 242 -8.20 6.27 5.94
CA GLY A 242 -7.78 4.91 5.68
C GLY A 242 -8.97 3.96 5.61
N TYR A 243 -8.91 3.06 4.63
CA TYR A 243 -9.85 1.93 4.50
C TYR A 243 -9.07 0.63 4.62
N TYR A 244 -9.66 -0.33 5.33
CA TYR A 244 -9.08 -1.67 5.41
C TYR A 244 -9.28 -2.44 4.10
N ARG A 245 -10.46 -2.36 3.51
CA ARG A 245 -10.68 -3.14 2.31
C ARG A 245 -9.92 -2.51 1.14
N PRO A 246 -9.56 -3.31 0.12
CA PRO A 246 -9.87 -4.73 -0.05
C PRO A 246 -8.92 -5.76 0.62
N HIS A 247 -8.24 -5.41 1.74
CA HIS A 247 -7.52 -6.39 2.54
C HIS A 247 -8.44 -7.57 2.89
N PRO A 248 -7.91 -8.79 2.94
CA PRO A 248 -8.73 -9.95 3.30
C PRO A 248 -9.22 -9.86 4.75
N PRO A 249 -10.15 -10.74 5.15
CA PRO A 249 -10.69 -11.90 4.43
C PRO A 249 -11.51 -11.54 3.20
N PHE A 250 -11.35 -12.33 2.15
CA PHE A 250 -12.00 -12.07 0.87
C PHE A 250 -13.42 -12.62 0.97
N VAL A 251 -14.26 -11.84 1.64
CA VAL A 251 -15.69 -12.07 1.82
C VAL A 251 -16.34 -10.70 1.94
N ALA A 252 -17.53 -10.54 1.36
CA ALA A 252 -18.16 -9.22 1.26
C ALA A 252 -19.60 -9.24 1.77
N SER A 253 -20.02 -8.12 2.36
CA SER A 253 -21.43 -7.96 2.73
C SER A 253 -22.30 -7.95 1.49
N ALA A 254 -23.53 -8.45 1.65
CA ALA A 254 -24.49 -8.44 0.55
C ALA A 254 -24.83 -7.01 0.16
N PRO A 255 -25.02 -6.73 -1.13
CA PRO A 255 -24.97 -7.66 -2.27
C PRO A 255 -23.60 -7.65 -2.95
N TYR A 256 -22.55 -7.11 -2.32
CA TYR A 256 -21.26 -7.02 -2.99
C TYR A 256 -20.63 -8.38 -3.26
N HIS A 257 -21.02 -9.41 -2.51
CA HIS A 257 -20.50 -10.74 -2.72
C HIS A 257 -20.94 -11.34 -4.06
N ALA A 258 -22.03 -10.83 -4.64
CA ALA A 258 -22.60 -11.39 -5.86
C ALA A 258 -22.50 -10.42 -7.02
N MET A 259 -21.78 -9.32 -6.84
CA MET A 259 -21.79 -8.23 -7.78
C MET A 259 -21.02 -8.54 -9.07
N TYR A 260 -20.01 -9.39 -8.99
CA TYR A 260 -19.19 -9.73 -10.14
C TYR A 260 -19.21 -11.22 -10.41
N ARG A 261 -19.24 -11.60 -11.69
CA ARG A 261 -19.19 -13.00 -12.07
C ARG A 261 -17.74 -13.47 -12.15
N PRO A 262 -17.44 -14.62 -11.57
CA PRO A 262 -16.06 -15.15 -11.67
C PRO A 262 -15.54 -15.22 -13.10
N GLU A 263 -16.40 -15.57 -14.08
CA GLU A 263 -15.92 -15.73 -15.45
C GLU A 263 -15.51 -14.41 -16.09
N ASP A 264 -15.92 -13.28 -15.54
CA ASP A 264 -15.56 -11.98 -16.08
C ASP A 264 -14.25 -11.44 -15.52
N MET A 265 -13.62 -12.18 -14.60
CA MET A 265 -12.41 -11.71 -13.93
C MET A 265 -11.17 -12.02 -14.76
N PRO A 266 -10.11 -11.21 -14.63
CA PRO A 266 -8.85 -11.55 -15.30
C PRO A 266 -8.28 -12.85 -14.74
N ALA A 267 -7.74 -13.68 -15.63
CA ALA A 267 -7.20 -14.96 -15.20
C ALA A 267 -5.92 -14.76 -14.39
N PRO A 268 -5.72 -15.52 -13.33
CA PRO A 268 -4.43 -15.50 -12.64
C PRO A 268 -3.32 -15.96 -13.56
N ILE A 269 -2.12 -15.45 -13.31
CA ILE A 269 -0.96 -15.70 -14.15
C ILE A 269 0.03 -16.50 -13.29
N ARG A 270 0.27 -17.76 -13.67
CA ARG A 270 1.12 -18.62 -12.85
C ARG A 270 1.71 -19.74 -13.70
N ALA A 271 2.76 -20.35 -13.16
CA ALA A 271 3.51 -21.40 -13.84
C ALA A 271 2.66 -22.67 -13.97
N ALA A 272 3.23 -23.70 -14.62
CA ALA A 272 2.45 -24.90 -14.91
C ALA A 272 1.99 -25.62 -13.65
N ASN A 273 2.78 -25.58 -12.58
CA ASN A 273 2.40 -26.17 -11.31
C ASN A 273 3.23 -25.50 -10.21
N PRO A 274 2.88 -25.70 -8.93
CA PRO A 274 3.63 -25.01 -7.87
C PRO A 274 5.10 -25.37 -7.79
N ASP A 275 5.47 -26.57 -8.19
CA ASP A 275 6.89 -26.95 -8.12
C ASP A 275 7.71 -26.22 -9.16
N ILE A 276 7.22 -26.13 -10.39
CA ILE A 276 7.95 -25.38 -11.43
C ILE A 276 8.03 -23.90 -11.05
N GLU A 277 6.95 -23.37 -10.47
CA GLU A 277 6.98 -21.99 -9.97
C GLU A 277 8.07 -21.83 -8.93
N ALA A 278 8.09 -22.71 -7.94
CA ALA A 278 9.01 -22.59 -6.81
C ALA A 278 10.47 -22.71 -7.24
N ALA A 279 10.73 -23.40 -8.35
CA ALA A 279 12.10 -23.62 -8.82
C ALA A 279 12.83 -22.33 -9.15
N GLN A 280 12.11 -21.24 -9.39
CA GLN A 280 12.74 -20.01 -9.81
C GLN A 280 13.70 -19.48 -8.75
N HIS A 281 13.35 -19.62 -7.47
CA HIS A 281 14.15 -19.01 -6.41
C HIS A 281 13.75 -19.56 -5.04
N PRO A 282 14.70 -19.72 -4.12
CA PRO A 282 14.34 -20.19 -2.77
C PRO A 282 13.26 -19.37 -2.08
N LEU A 283 13.21 -18.05 -2.26
CA LEU A 283 12.17 -17.28 -1.58
C LEU A 283 10.80 -17.56 -2.17
N MET A 284 10.74 -17.75 -3.49
CA MET A 284 9.49 -18.15 -4.12
C MET A 284 9.02 -19.49 -3.58
N LYS A 285 9.94 -20.46 -3.47
CA LYS A 285 9.57 -21.75 -2.89
C LYS A 285 9.03 -21.59 -1.48
N PHE A 286 9.68 -20.78 -0.64
CA PHE A 286 9.20 -20.66 0.74
C PHE A 286 7.75 -20.19 0.77
N TYR A 287 7.41 -19.18 -0.02
CA TYR A 287 6.05 -18.65 0.05
C TYR A 287 5.05 -19.59 -0.64
N VAL A 288 5.42 -20.17 -1.78
CA VAL A 288 4.53 -21.13 -2.41
C VAL A 288 4.19 -22.27 -1.45
N ASP A 289 5.19 -22.77 -0.72
CA ASP A 289 4.96 -23.88 0.20
C ASP A 289 4.21 -23.45 1.46
N SER A 290 4.41 -22.22 1.94
CA SER A 290 3.98 -21.90 3.31
C SER A 290 2.68 -21.11 3.41
N ILE A 291 2.26 -20.40 2.36
CA ILE A 291 1.09 -19.54 2.48
C ILE A 291 -0.18 -20.39 2.62
N ARG A 292 -1.03 -20.04 3.59
CA ARG A 292 -2.19 -20.84 3.97
C ARG A 292 -3.47 -20.08 3.61
N ARG A 293 -4.48 -20.82 3.16
CA ARG A 293 -5.74 -20.18 2.78
C ARG A 293 -6.38 -19.45 3.95
N GLY A 294 -6.12 -19.89 5.19
CA GLY A 294 -6.74 -19.25 6.35
C GLY A 294 -6.30 -17.83 6.60
N SER A 295 -5.18 -17.41 6.01
CA SER A 295 -4.77 -16.02 6.09
C SER A 295 -5.54 -15.14 5.12
N PHE A 296 -6.38 -15.72 4.27
CA PHE A 296 -7.11 -14.97 3.24
C PHE A 296 -8.62 -15.20 3.25
N PHE A 297 -9.10 -16.26 3.89
CA PHE A 297 -10.52 -16.53 4.03
C PHE A 297 -10.73 -17.00 5.46
N GLN A 298 -11.69 -16.39 6.16
CA GLN A 298 -11.86 -16.69 7.58
C GLN A 298 -12.17 -18.17 7.79
N GLY A 299 -11.38 -18.84 8.63
CA GLY A 299 -11.62 -20.22 8.97
C GLY A 299 -11.23 -21.26 7.92
N ALA A 300 -10.60 -20.85 6.82
CA ALA A 300 -10.31 -21.76 5.72
C ALA A 300 -9.09 -22.62 6.00
N GLU A 301 -9.07 -23.82 5.42
CA GLU A 301 -7.99 -24.77 5.57
C GLU A 301 -7.30 -24.99 4.22
N GLY A 302 -6.03 -25.35 4.27
CA GLY A 302 -5.31 -25.73 3.07
C GLY A 302 -4.33 -24.67 2.62
N SER A 303 -3.59 -25.00 1.56
CA SER A 303 -2.56 -24.11 1.05
CA SER A 303 -2.55 -24.14 1.02
C SER A 303 -3.13 -23.18 -0.01
N GLY A 304 -2.57 -21.96 -0.04
CA GLY A 304 -2.98 -21.01 -1.07
C GLY A 304 -2.64 -21.49 -2.47
N ALA A 305 -1.51 -22.20 -2.62
CA ALA A 305 -1.04 -22.59 -3.95
C ALA A 305 -1.91 -23.65 -4.61
N THR A 306 -2.74 -24.36 -3.87
CA THR A 306 -3.55 -25.42 -4.46
C THR A 306 -4.95 -24.95 -4.86
N LEU A 307 -5.24 -23.66 -4.75
CA LEU A 307 -6.51 -23.15 -5.24
C LEU A 307 -6.58 -23.35 -6.74
N ASP A 308 -7.75 -23.77 -7.23
CA ASP A 308 -7.91 -23.97 -8.66
C ASP A 308 -8.35 -22.68 -9.33
N GLU A 309 -8.46 -22.71 -10.66
CA GLU A 309 -8.76 -21.49 -11.39
C GLU A 309 -10.14 -20.94 -11.01
N ALA A 310 -11.13 -21.83 -10.83
CA ALA A 310 -12.46 -21.37 -10.45
C ALA A 310 -12.46 -20.70 -9.09
N GLU A 311 -11.74 -21.28 -8.12
CA GLU A 311 -11.67 -20.66 -6.80
C GLU A 311 -10.95 -19.32 -6.87
N LEU A 312 -9.88 -19.23 -7.66
CA LEU A 312 -9.18 -17.96 -7.81
C LEU A 312 -10.06 -16.93 -8.50
N ARG A 313 -10.84 -17.34 -9.50
CA ARG A 313 -11.79 -16.42 -10.13
C ARG A 313 -12.84 -15.92 -9.14
N GLN A 314 -13.42 -16.81 -8.34
CA GLN A 314 -14.35 -16.37 -7.32
C GLN A 314 -13.69 -15.40 -6.33
N MET A 315 -12.48 -15.73 -5.86
CA MET A 315 -11.77 -14.82 -4.96
C MET A 315 -11.61 -13.45 -5.60
N ARG A 316 -11.28 -13.42 -6.89
CA ARG A 316 -11.10 -12.14 -7.57
C ARG A 316 -12.42 -11.38 -7.66
N ALA A 317 -13.52 -12.09 -7.92
CA ALA A 317 -14.83 -11.43 -7.97
C ALA A 317 -15.20 -10.85 -6.61
N THR A 318 -14.86 -11.53 -5.53
CA THR A 318 -15.18 -11.02 -4.19
C THR A 318 -14.32 -9.78 -3.88
N TYR A 319 -13.04 -9.87 -4.21
CA TYR A 319 -12.12 -8.73 -4.13
C TYR A 319 -12.67 -7.51 -4.84
N CYS A 320 -13.19 -7.70 -6.08
CA CYS A 320 -13.77 -6.56 -6.79
C CYS A 320 -14.99 -6.03 -6.06
N GLY A 321 -15.78 -6.92 -5.46
CA GLY A 321 -16.91 -6.46 -4.66
C GLY A 321 -16.49 -5.58 -3.49
N LEU A 322 -15.43 -5.98 -2.78
CA LEU A 322 -14.93 -5.16 -1.68
C LEU A 322 -14.45 -3.81 -2.19
N ILE A 323 -13.83 -3.80 -3.37
CA ILE A 323 -13.37 -2.55 -3.97
C ILE A 323 -14.55 -1.62 -4.28
N THR A 324 -15.61 -2.16 -4.88
CA THR A 324 -16.75 -1.31 -5.21
C THR A 324 -17.43 -0.79 -3.95
N GLU A 325 -17.42 -1.57 -2.86
CA GLU A 325 -17.96 -1.05 -1.60
C GLU A 325 -17.18 0.17 -1.13
N VAL A 326 -15.84 0.12 -1.19
CA VAL A 326 -15.04 1.29 -0.83
C VAL A 326 -15.40 2.47 -1.73
N ASP A 327 -15.52 2.21 -3.04
CA ASP A 327 -15.86 3.31 -3.95
C ASP A 327 -17.22 3.90 -3.62
N ASP A 328 -18.23 3.05 -3.34
CA ASP A 328 -19.53 3.54 -2.88
C ASP A 328 -19.35 4.45 -1.67
N CYS A 329 -18.52 4.04 -0.71
CA CYS A 329 -18.31 4.83 0.49
C CYS A 329 -17.63 6.15 0.17
N LEU A 330 -16.64 6.13 -0.72
CA LEU A 330 -16.00 7.39 -1.11
C LEU A 330 -17.00 8.37 -1.68
N GLY A 331 -17.97 7.87 -2.44
CA GLY A 331 -19.02 8.72 -2.97
C GLY A 331 -19.74 9.51 -1.89
N ARG A 332 -19.93 8.92 -0.71
CA ARG A 332 -20.56 9.64 0.39
C ARG A 332 -19.67 10.76 0.92
N VAL A 333 -18.37 10.50 1.01
CA VAL A 333 -17.43 11.53 1.43
C VAL A 333 -17.36 12.64 0.40
N PHE A 334 -17.24 12.27 -0.88
CA PHE A 334 -17.19 13.28 -1.93
C PHE A 334 -18.46 14.11 -1.96
N SER A 335 -19.60 13.48 -1.69
CA SER A 335 -20.87 14.23 -1.71
C SER A 335 -20.90 15.29 -0.63
N TYR A 336 -20.32 15.00 0.54
CA TYR A 336 -20.27 16.02 1.58
C TYR A 336 -19.36 17.18 1.18
N LEU A 337 -18.20 16.89 0.59
CA LEU A 337 -17.34 17.94 0.08
C LEU A 337 -18.04 18.76 -1.01
N ASP A 338 -18.80 18.11 -1.89
CA ASP A 338 -19.53 18.84 -2.91
C ASP A 338 -20.57 19.77 -2.29
N GLU A 339 -21.37 19.26 -1.36
CA GLU A 339 -22.48 20.07 -0.84
C GLU A 339 -21.99 21.23 0.01
N THR A 340 -20.83 21.10 0.65
CA THR A 340 -20.27 22.20 1.44
C THR A 340 -19.35 23.10 0.62
N GLY A 341 -19.26 22.89 -0.69
CA GLY A 341 -18.42 23.71 -1.54
C GLY A 341 -16.94 23.62 -1.28
N GLN A 342 -16.45 22.47 -0.83
CA GLN A 342 -15.03 22.30 -0.51
C GLN A 342 -14.26 21.48 -1.53
N TRP A 343 -14.94 20.89 -2.51
CA TRP A 343 -14.27 19.99 -3.45
C TRP A 343 -13.10 20.68 -4.15
N ASP A 344 -13.35 21.89 -4.67
CA ASP A 344 -12.35 22.63 -5.43
C ASP A 344 -11.28 23.26 -4.55
N ASP A 345 -11.43 23.19 -3.23
CA ASP A 345 -10.41 23.65 -2.30
C ASP A 345 -9.53 22.52 -1.76
N THR A 346 -9.76 21.28 -2.18
CA THR A 346 -9.15 20.12 -1.55
C THR A 346 -8.23 19.40 -2.52
N LEU A 347 -6.97 19.22 -2.12
CA LEU A 347 -6.08 18.27 -2.80
C LEU A 347 -6.51 16.88 -2.37
N ILE A 348 -6.88 16.03 -3.33
CA ILE A 348 -7.28 14.66 -3.03
C ILE A 348 -6.25 13.72 -3.61
N ILE A 349 -5.67 12.89 -2.76
CA ILE A 349 -4.70 11.88 -3.16
C ILE A 349 -5.30 10.52 -2.83
N PHE A 350 -5.42 9.65 -3.83
CA PHE A 350 -5.93 8.30 -3.64
C PHE A 350 -4.79 7.33 -3.89
N THR A 351 -4.51 6.45 -2.92
CA THR A 351 -3.45 5.47 -3.11
C THR A 351 -3.74 4.26 -2.22
N SER A 352 -2.86 3.27 -2.32
CA SER A 352 -2.93 2.06 -1.52
C SER A 352 -1.59 1.90 -0.81
N ASP A 353 -1.60 1.18 0.32
CA ASP A 353 -0.33 0.88 0.97
C ASP A 353 0.54 -0.06 0.13
N HIS A 354 -0.07 -1.08 -0.49
CA HIS A 354 0.65 -2.07 -1.28
C HIS A 354 -0.37 -2.82 -2.13
N GLY A 355 0.13 -3.74 -2.94
CA GLY A 355 -0.69 -4.52 -3.83
C GLY A 355 -1.07 -5.86 -3.24
N GLU A 356 -1.26 -6.86 -4.13
CA GLU A 356 -1.75 -8.18 -3.76
C GLU A 356 -1.47 -9.13 -4.91
N GLN A 357 -0.93 -10.32 -4.61
CA GLN A 357 -0.63 -11.28 -5.68
C GLN A 357 -1.92 -11.86 -6.29
N LEU A 358 -2.95 -12.10 -5.49
CA LEU A 358 -4.27 -12.51 -5.98
C LEU A 358 -4.20 -13.80 -6.81
N GLY A 359 -3.30 -14.70 -6.42
CA GLY A 359 -3.09 -15.95 -7.14
C GLY A 359 -1.98 -15.93 -8.16
N ASP A 360 -1.48 -14.76 -8.54
CA ASP A 360 -0.37 -14.69 -9.47
C ASP A 360 0.86 -15.39 -8.89
N HIS A 361 1.51 -16.22 -9.71
CA HIS A 361 2.70 -16.97 -9.29
C HIS A 361 2.42 -17.92 -8.12
N HIS A 362 1.18 -18.40 -8.02
CA HIS A 362 0.73 -19.32 -6.99
C HIS A 362 0.71 -18.68 -5.61
N LEU A 363 0.83 -17.36 -5.52
CA LEU A 363 0.93 -16.67 -4.24
C LEU A 363 -0.35 -15.91 -3.91
N LEU A 364 -0.63 -15.78 -2.63
CA LEU A 364 -1.61 -14.85 -2.09
C LEU A 364 -0.88 -13.89 -1.16
N GLY A 365 -1.24 -12.61 -1.20
CA GLY A 365 -0.70 -11.64 -0.27
C GLY A 365 0.26 -10.66 -0.91
N LYS A 366 1.10 -10.06 -0.07
CA LYS A 366 2.04 -9.02 -0.48
C LYS A 366 3.41 -9.42 0.07
N ILE A 367 4.19 -10.11 -0.77
CA ILE A 367 5.43 -10.74 -0.35
C ILE A 367 6.33 -10.81 -1.57
N GLY A 368 7.64 -10.92 -1.33
CA GLY A 368 8.57 -11.30 -2.40
C GLY A 368 8.98 -10.14 -3.26
N TYR A 369 8.96 -10.36 -4.58
CA TYR A 369 9.53 -9.41 -5.53
C TYR A 369 8.68 -9.15 -6.77
N ASN A 370 7.52 -9.81 -6.95
CA ASN A 370 6.75 -9.63 -8.18
C ASN A 370 6.05 -8.28 -8.21
N ASP A 371 5.91 -7.73 -9.42
CA ASP A 371 5.16 -6.49 -9.66
C ASP A 371 3.83 -6.40 -8.92
N PRO A 372 2.93 -7.38 -8.97
CA PRO A 372 1.60 -7.17 -8.36
C PRO A 372 1.61 -6.90 -6.85
N SER A 373 2.66 -7.29 -6.13
CA SER A 373 2.71 -6.96 -4.71
C SER A 373 3.05 -5.48 -4.48
N PHE A 374 3.74 -4.84 -5.42
CA PHE A 374 4.28 -3.49 -5.19
C PHE A 374 3.62 -2.40 -6.02
N ARG A 375 3.09 -2.70 -7.21
CA ARG A 375 2.42 -1.70 -8.01
C ARG A 375 1.09 -1.32 -7.37
N ILE A 376 0.83 -0.01 -7.26
CA ILE A 376 -0.35 0.48 -6.54
C ILE A 376 -0.94 1.66 -7.29
N PRO A 377 -2.24 1.90 -7.11
CA PRO A 377 -2.85 3.11 -7.67
C PRO A 377 -2.26 4.38 -7.07
N LEU A 378 -2.29 5.45 -7.86
CA LEU A 378 -2.07 6.81 -7.36
C LEU A 378 -2.80 7.76 -8.29
N VAL A 379 -3.73 8.52 -7.73
CA VAL A 379 -4.52 9.50 -8.47
C VAL A 379 -4.52 10.78 -7.66
N ILE A 380 -4.18 11.91 -8.28
CA ILE A 380 -4.07 13.17 -7.55
C ILE A 380 -4.91 14.22 -8.25
N LYS A 381 -5.85 14.80 -7.50
CA LYS A 381 -6.68 15.91 -7.99
C LYS A 381 -6.29 17.16 -7.23
N ASP A 382 -5.73 18.14 -7.95
CA ASP A 382 -5.37 19.42 -7.36
C ASP A 382 -6.64 20.22 -7.05
N ALA A 383 -6.47 21.32 -6.32
CA ALA A 383 -7.56 22.26 -6.16
C ALA A 383 -7.90 22.92 -7.50
N GLY A 384 -9.15 23.36 -7.62
CA GLY A 384 -9.58 24.05 -8.83
C GLY A 384 -9.57 23.15 -10.07
N GLU A 385 -9.53 23.80 -11.22
CA GLU A 385 -9.54 23.07 -12.49
C GLU A 385 -8.10 22.63 -12.79
N ASN A 386 -7.90 21.32 -12.97
CA ASN A 386 -6.57 20.75 -13.04
C ASN A 386 -5.99 20.88 -14.45
N ALA A 387 -4.77 21.39 -14.54
CA ALA A 387 -4.18 21.65 -15.86
C ALA A 387 -4.06 20.38 -16.69
N ARG A 388 -3.91 19.23 -16.04
CA ARG A 388 -3.73 17.96 -16.72
C ARG A 388 -4.88 17.00 -16.44
N ALA A 389 -6.08 17.53 -16.19
CA ALA A 389 -7.24 16.71 -15.88
C ALA A 389 -7.40 15.57 -16.87
N GLY A 390 -7.44 14.34 -16.35
CA GLY A 390 -7.65 13.16 -17.17
C GLY A 390 -6.39 12.50 -17.68
N ALA A 391 -5.23 13.13 -17.50
CA ALA A 391 -4.00 12.59 -18.05
C ALA A 391 -3.55 11.35 -17.27
N ILE A 392 -2.83 10.48 -17.97
CA ILE A 392 -2.22 9.29 -17.37
C ILE A 392 -0.71 9.44 -17.52
N GLU A 393 -0.01 9.40 -16.38
CA GLU A 393 1.40 9.70 -16.31
C GLU A 393 2.20 8.40 -16.24
N SER A 394 3.20 8.27 -17.13
CA SER A 394 4.07 7.09 -17.12
C SER A 394 5.36 7.29 -16.34
N GLY A 395 5.68 8.51 -15.92
CA GLY A 395 6.82 8.72 -15.04
C GLY A 395 6.82 7.82 -13.83
N PHE A 396 8.00 7.41 -13.37
CA PHE A 396 8.12 6.39 -12.34
C PHE A 396 8.01 7.07 -10.98
N THR A 397 6.95 6.76 -10.24
CA THR A 397 6.71 7.40 -8.95
C THR A 397 6.69 6.36 -7.84
N GLU A 398 7.00 6.80 -6.63
CA GLU A 398 7.21 5.91 -5.51
C GLU A 398 6.48 6.48 -4.30
N SER A 399 6.04 5.58 -3.41
CA SER A 399 5.20 6.02 -2.29
C SER A 399 5.91 7.02 -1.39
N ILE A 400 7.25 7.03 -1.38
CA ILE A 400 8.03 8.03 -0.66
C ILE A 400 7.83 9.44 -1.19
N ASP A 401 7.22 9.61 -2.36
CA ASP A 401 6.99 10.92 -2.95
C ASP A 401 5.76 11.62 -2.39
N VAL A 402 4.88 10.88 -1.71
CA VAL A 402 3.58 11.42 -1.31
C VAL A 402 3.72 12.43 -0.18
N MET A 403 4.50 12.09 0.85
CA MET A 403 4.72 13.05 1.93
C MET A 403 5.35 14.36 1.43
N PRO A 404 6.44 14.35 0.66
CA PRO A 404 6.95 15.61 0.10
C PRO A 404 5.90 16.36 -0.70
N THR A 405 5.06 15.63 -1.46
CA THR A 405 4.03 16.29 -2.26
C THR A 405 3.07 17.10 -1.38
N ILE A 406 2.59 16.47 -0.29
CA ILE A 406 1.62 17.11 0.61
C ILE A 406 2.24 18.34 1.25
N LEU A 407 3.49 18.22 1.73
CA LEU A 407 4.11 19.34 2.43
C LEU A 407 4.43 20.48 1.47
N ASP A 408 4.92 20.16 0.29
CA ASP A 408 5.14 21.16 -0.75
C ASP A 408 3.84 21.92 -1.01
N TRP A 409 2.74 21.19 -1.20
CA TRP A 409 1.46 21.80 -1.54
C TRP A 409 0.95 22.74 -0.43
N LEU A 410 1.22 22.41 0.83
CA LEU A 410 0.80 23.23 1.96
C LEU A 410 1.79 24.34 2.26
N GLY A 411 2.84 24.48 1.47
CA GLY A 411 3.77 25.58 1.63
C GLY A 411 4.86 25.34 2.63
N GLY A 412 5.05 24.10 3.08
CA GLY A 412 6.16 23.77 3.95
C GLY A 412 7.42 23.40 3.18
N LYS A 413 8.53 23.38 3.90
CA LYS A 413 9.77 22.87 3.33
C LYS A 413 9.75 21.35 3.43
N ILE A 414 10.28 20.69 2.42
CA ILE A 414 10.39 19.23 2.50
C ILE A 414 11.57 18.89 3.40
N PRO A 415 11.38 18.03 4.41
CA PRO A 415 12.49 17.70 5.32
C PRO A 415 13.70 17.23 4.53
N HIS A 416 14.88 17.61 5.01
CA HIS A 416 16.13 17.22 4.34
C HIS A 416 16.24 15.71 4.22
N ALA A 417 15.71 14.98 5.21
CA ALA A 417 15.95 13.55 5.28
C ALA A 417 15.13 12.75 4.26
N CYS A 418 14.06 13.30 3.72
CA CYS A 418 13.19 12.51 2.84
C CYS A 418 13.95 12.00 1.62
N ASP A 419 13.65 10.76 1.25
CA ASP A 419 14.17 10.16 0.03
C ASP A 419 13.34 10.54 -1.19
N GLY A 420 12.03 10.78 -1.00
CA GLY A 420 11.15 11.11 -2.10
C GLY A 420 11.18 12.57 -2.49
N LEU A 421 10.51 12.87 -3.59
CA LEU A 421 10.43 14.23 -4.11
CA LEU A 421 10.42 14.24 -4.09
C LEU A 421 8.97 14.59 -4.37
N SER A 422 8.68 15.89 -4.34
CA SER A 422 7.33 16.36 -4.59
C SER A 422 6.88 16.02 -6.01
N LEU A 423 5.63 15.58 -6.12
CA LEU A 423 5.02 15.28 -7.41
C LEU A 423 4.30 16.46 -8.02
N LEU A 424 4.28 17.63 -7.36
CA LEU A 424 3.59 18.78 -7.90
C LEU A 424 3.97 19.16 -9.34
N PRO A 425 5.24 19.08 -9.77
CA PRO A 425 5.52 19.38 -11.19
C PRO A 425 4.69 18.55 -12.17
N PHE A 426 4.38 17.30 -11.83
CA PHE A 426 3.55 16.46 -12.71
C PHE A 426 2.13 17.01 -12.86
N LEU A 427 1.65 17.81 -11.90
CA LEU A 427 0.29 18.31 -12.02
C LEU A 427 0.20 19.54 -12.91
N SER A 428 1.32 20.17 -13.23
CA SER A 428 1.30 21.35 -14.07
C SER A 428 2.00 21.07 -15.39
N GLU A 429 3.33 21.17 -15.43
CA GLU A 429 4.05 21.04 -16.69
C GLU A 429 4.43 19.59 -17.05
N GLY A 430 4.53 18.70 -16.08
CA GLY A 430 4.84 17.32 -16.39
C GLY A 430 6.08 16.78 -15.70
N ARG A 431 6.56 15.63 -16.18
CA ARG A 431 7.72 14.97 -15.58
C ARG A 431 8.95 15.87 -15.66
N PRO A 432 9.61 16.16 -14.53
CA PRO A 432 10.84 16.96 -14.59
C PRO A 432 11.90 16.27 -15.43
N GLN A 433 12.75 17.08 -16.07
CA GLN A 433 13.78 16.54 -16.95
C GLN A 433 14.74 15.62 -16.19
N ASP A 434 14.96 15.88 -14.90
CA ASP A 434 15.89 15.11 -14.09
C ASP A 434 15.18 14.12 -13.16
N TRP A 435 13.95 13.74 -13.47
CA TRP A 435 13.22 12.77 -12.65
C TRP A 435 13.92 11.41 -12.73
N ARG A 436 13.66 10.57 -11.73
CA ARG A 436 14.24 9.23 -11.72
C ARG A 436 13.86 8.45 -13.00
N THR A 437 14.76 7.56 -13.42
CA THR A 437 14.56 6.74 -14.62
C THR A 437 14.34 5.27 -14.31
N GLU A 438 14.32 4.89 -13.03
CA GLU A 438 13.98 3.54 -12.61
C GLU A 438 13.05 3.62 -11.41
N LEU A 439 12.26 2.56 -11.23
CA LEU A 439 11.51 2.29 -10.01
C LEU A 439 12.35 1.45 -9.06
N HIS A 440 12.16 1.66 -7.75
CA HIS A 440 12.91 0.97 -6.72
C HIS A 440 11.99 0.50 -5.62
N TYR A 441 12.21 -0.72 -5.14
CA TYR A 441 11.55 -1.17 -3.92
C TYR A 441 12.41 -2.21 -3.21
N GLU A 442 12.01 -2.53 -1.98
CA GLU A 442 12.78 -3.40 -1.10
C GLU A 442 11.81 -4.34 -0.39
N TYR A 443 12.35 -5.48 0.05
CA TYR A 443 11.59 -6.41 0.87
C TYR A 443 12.55 -7.10 1.83
N ASP A 444 12.15 -7.17 3.11
CA ASP A 444 12.93 -7.83 4.14
C ASP A 444 12.07 -8.96 4.68
N PHE A 445 12.63 -10.17 4.73
CA PHE A 445 11.89 -11.37 5.09
C PHE A 445 12.51 -12.08 6.29
N ARG A 446 13.12 -11.33 7.21
CA ARG A 446 13.61 -11.94 8.44
C ARG A 446 12.42 -12.45 9.27
N ASP A 447 12.73 -13.38 10.18
CA ASP A 447 11.69 -14.10 10.93
C ASP A 447 10.83 -13.13 11.74
N VAL A 448 9.51 -13.32 11.65
CA VAL A 448 8.55 -12.75 12.60
C VAL A 448 7.69 -13.87 13.13
N TYR A 449 6.84 -13.57 14.11
CA TYR A 449 6.25 -14.66 14.89
C TYR A 449 5.39 -15.59 14.03
N TYR A 450 4.79 -15.08 12.96
CA TYR A 450 3.87 -15.86 12.14
C TYR A 450 4.47 -16.31 10.82
N SER A 451 5.71 -15.94 10.51
CA SER A 451 6.34 -16.35 9.24
C SER A 451 7.85 -16.33 9.45
N GLU A 452 8.49 -17.50 9.37
CA GLU A 452 9.89 -17.67 9.79
C GLU A 452 10.68 -18.40 8.71
N PRO A 453 11.08 -17.71 7.65
CA PRO A 453 11.80 -18.39 6.56
C PRO A 453 13.30 -18.64 6.80
N GLN A 454 13.88 -18.12 7.89
CA GLN A 454 15.34 -18.12 8.00
C GLN A 454 15.92 -19.53 7.98
N SER A 455 15.30 -20.46 8.73
CA SER A 455 15.86 -21.82 8.78
C SER A 455 15.80 -22.49 7.43
N PHE A 456 14.66 -22.36 6.73
CA PHE A 456 14.55 -22.95 5.39
C PHE A 456 15.58 -22.36 4.44
N LEU A 457 15.81 -21.04 4.51
CA LEU A 457 16.73 -20.36 3.60
C LEU A 457 18.18 -20.47 4.04
N GLY A 458 18.41 -20.84 5.30
CA GLY A 458 19.75 -20.92 5.85
C GLY A 458 20.40 -19.58 6.13
N LEU A 459 19.62 -18.56 6.48
CA LEU A 459 20.15 -17.20 6.58
C LEU A 459 20.02 -16.64 7.98
N GLY A 460 20.96 -15.76 8.34
CA GLY A 460 20.82 -14.96 9.53
C GLY A 460 19.93 -13.74 9.30
N MET A 461 19.53 -13.12 10.42
CA MET A 461 18.46 -12.11 10.37
C MET A 461 18.84 -10.87 9.58
N ASN A 462 20.12 -10.53 9.52
CA ASN A 462 20.55 -9.33 8.81
C ASN A 462 20.88 -9.59 7.34
N ASP A 463 20.65 -10.81 6.86
CA ASP A 463 20.95 -11.20 5.48
C ASP A 463 19.69 -11.52 4.69
N CYS A 464 18.51 -11.19 5.23
CA CYS A 464 17.23 -11.60 4.66
C CYS A 464 16.53 -10.44 3.96
N SER A 465 17.21 -9.82 2.99
CA SER A 465 16.56 -8.73 2.27
C SER A 465 16.88 -8.81 0.79
N LEU A 466 16.11 -8.02 0.03
CA LEU A 466 16.29 -7.85 -1.40
C LEU A 466 15.95 -6.42 -1.75
N CYS A 467 16.48 -5.96 -2.88
CA CYS A 467 16.01 -4.71 -3.48
C CYS A 467 15.76 -4.96 -4.95
N VAL A 468 14.91 -4.12 -5.55
CA VAL A 468 14.48 -4.27 -6.93
C VAL A 468 14.65 -2.95 -7.63
N ILE A 469 15.14 -3.00 -8.87
CA ILE A 469 15.22 -1.84 -9.74
C ILE A 469 14.66 -2.23 -11.10
N GLN A 470 13.85 -1.36 -11.70
CA GLN A 470 13.27 -1.74 -13.00
C GLN A 470 12.89 -0.50 -13.79
N ASP A 471 12.75 -0.69 -15.09
CA ASP A 471 12.28 0.34 -15.99
C ASP A 471 11.31 -0.31 -16.97
N GLU A 472 11.07 0.34 -18.11
CA GLU A 472 10.13 -0.20 -19.07
C GLU A 472 10.60 -1.51 -19.67
N ARG A 473 11.91 -1.77 -19.68
CA ARG A 473 12.48 -2.91 -20.41
C ARG A 473 12.95 -4.04 -19.52
N TYR A 474 13.57 -3.74 -18.37
CA TYR A 474 14.25 -4.76 -17.58
C TYR A 474 13.93 -4.60 -16.11
N LYS A 475 14.00 -5.73 -15.40
CA LYS A 475 13.75 -5.77 -13.96
C LYS A 475 14.86 -6.59 -13.32
N TYR A 476 15.53 -6.01 -12.32
CA TYR A 476 16.62 -6.68 -11.64
C TYR A 476 16.26 -6.81 -10.16
N VAL A 477 16.32 -8.03 -9.64
CA VAL A 477 16.03 -8.32 -8.24
C VAL A 477 17.33 -8.79 -7.59
N HIS A 478 17.83 -8.01 -6.65
CA HIS A 478 19.09 -8.35 -5.99
C HIS A 478 18.86 -8.79 -4.56
N PHE A 479 19.31 -10.01 -4.22
CA PHE A 479 19.20 -10.53 -2.87
C PHE A 479 20.51 -10.33 -2.11
N ALA A 480 20.40 -9.99 -0.83
CA ALA A 480 21.61 -9.82 -0.03
C ALA A 480 22.44 -11.10 0.01
N ALA A 481 21.79 -12.26 0.05
CA ALA A 481 22.51 -13.50 0.33
C ALA A 481 21.88 -14.71 -0.37
N LEU A 482 21.15 -14.49 -1.45
CA LEU A 482 20.57 -15.55 -2.27
C LEU A 482 20.81 -15.15 -3.72
N PRO A 483 20.51 -16.02 -4.70
CA PRO A 483 20.80 -15.65 -6.09
C PRO A 483 19.98 -14.47 -6.54
N PRO A 484 20.49 -13.68 -7.47
CA PRO A 484 19.71 -12.56 -8.03
C PRO A 484 18.80 -13.05 -9.14
N LEU A 485 17.89 -12.17 -9.58
CA LEU A 485 16.99 -12.49 -10.69
C LEU A 485 17.01 -11.33 -11.68
N PHE A 486 16.84 -11.65 -12.96
CA PHE A 486 16.79 -10.62 -14.00
C PHE A 486 15.75 -11.03 -15.03
N PHE A 487 14.85 -10.09 -15.37
CA PHE A 487 13.76 -10.36 -16.30
C PHE A 487 13.76 -9.35 -17.44
N ASP A 488 13.54 -9.84 -18.66
CA ASP A 488 13.29 -9.01 -19.83
C ASP A 488 11.78 -8.79 -19.90
N LEU A 489 11.32 -7.59 -19.52
CA LEU A 489 9.89 -7.35 -19.39
C LEU A 489 9.15 -7.28 -20.72
N ARG A 490 9.84 -7.01 -21.83
CA ARG A 490 9.12 -7.01 -23.10
C ARG A 490 8.72 -8.41 -23.50
N HIS A 491 9.66 -9.36 -23.41
CA HIS A 491 9.40 -10.73 -23.80
C HIS A 491 8.80 -11.57 -22.68
N ASP A 492 9.01 -11.15 -21.43
CA ASP A 492 8.62 -11.94 -20.26
C ASP A 492 7.98 -11.00 -19.24
N PRO A 493 6.85 -10.37 -19.59
CA PRO A 493 6.28 -9.35 -18.69
C PRO A 493 5.84 -9.89 -17.35
N ASN A 494 5.60 -11.19 -17.22
CA ASN A 494 5.11 -11.80 -15.99
C ASN A 494 6.20 -12.52 -15.19
N GLU A 495 7.48 -12.24 -15.49
CA GLU A 495 8.59 -12.62 -14.61
C GLU A 495 8.73 -14.12 -14.43
N PHE A 496 8.62 -14.88 -15.53
CA PHE A 496 8.75 -16.32 -15.44
C PHE A 496 10.16 -16.83 -15.74
N THR A 497 10.99 -16.06 -16.43
CA THR A 497 12.26 -16.57 -16.98
C THR A 497 13.44 -15.76 -16.44
N ASN A 498 14.05 -16.27 -15.37
CA ASN A 498 15.24 -15.61 -14.83
C ASN A 498 16.38 -15.69 -15.83
N LEU A 499 16.98 -14.53 -16.12
CA LEU A 499 18.12 -14.44 -17.03
C LEU A 499 19.43 -14.09 -16.33
N ALA A 500 19.43 -13.90 -15.00
CA ALA A 500 20.59 -13.33 -14.31
C ALA A 500 21.84 -14.17 -14.49
N ASP A 501 21.69 -15.49 -14.60
CA ASP A 501 22.82 -16.39 -14.74
C ASP A 501 23.15 -16.72 -16.19
N ASP A 502 22.52 -16.05 -17.15
CA ASP A 502 22.82 -16.29 -18.57
C ASP A 502 24.00 -15.42 -18.95
N PRO A 503 25.14 -16.01 -19.37
CA PRO A 503 26.32 -15.19 -19.68
C PRO A 503 26.07 -14.16 -20.77
N ALA A 504 25.09 -14.36 -21.66
CA ALA A 504 24.79 -13.37 -22.70
C ALA A 504 24.18 -12.11 -22.13
N TYR A 505 23.71 -12.15 -20.88
CA TYR A 505 23.14 -10.98 -20.24
C TYR A 505 24.09 -10.32 -19.25
N ALA A 506 25.36 -10.74 -19.24
CA ALA A 506 26.30 -10.25 -18.22
C ALA A 506 26.38 -8.73 -18.21
N ALA A 507 26.44 -8.10 -19.39
CA ALA A 507 26.58 -6.64 -19.42
C ALA A 507 25.31 -5.95 -18.94
N LEU A 508 24.13 -6.46 -19.32
CA LEU A 508 22.88 -5.90 -18.83
C LEU A 508 22.72 -6.07 -17.32
N VAL A 509 23.01 -7.27 -16.80
CA VAL A 509 22.92 -7.47 -15.35
C VAL A 509 23.92 -6.56 -14.62
N ARG A 510 25.16 -6.46 -15.15
CA ARG A 510 26.12 -5.48 -14.62
C ARG A 510 25.51 -4.09 -14.54
N ASP A 511 24.89 -3.64 -15.63
CA ASP A 511 24.38 -2.28 -15.70
C ASP A 511 23.31 -2.03 -14.63
N TYR A 512 22.42 -3.01 -14.42
CA TYR A 512 21.35 -2.81 -13.46
C TYR A 512 21.85 -2.95 -12.02
N ALA A 513 22.80 -3.87 -11.77
CA ALA A 513 23.43 -3.89 -10.47
C ALA A 513 24.13 -2.57 -10.17
N GLN A 514 24.75 -1.97 -11.19
CA GLN A 514 25.43 -0.70 -11.03
C GLN A 514 24.44 0.44 -10.75
N LYS A 515 23.30 0.46 -11.44
CA LYS A 515 22.30 1.47 -11.13
C LYS A 515 21.80 1.32 -9.70
N ALA A 516 21.55 0.09 -9.28
CA ALA A 516 21.05 -0.12 -7.92
C ALA A 516 22.10 0.27 -6.87
N LEU A 517 23.37 -0.02 -7.15
CA LEU A 517 24.44 0.35 -6.22
C LEU A 517 24.56 1.88 -6.10
N SER A 518 24.49 2.58 -7.23
CA SER A 518 24.46 4.04 -7.19
C SER A 518 23.28 4.56 -6.39
N TRP A 519 22.11 3.92 -6.57
CA TRP A 519 20.92 4.29 -5.80
C TRP A 519 21.17 4.17 -4.30
N ARG A 520 21.79 3.07 -3.86
CA ARG A 520 22.16 2.96 -2.46
C ARG A 520 23.02 4.13 -2.00
N LEU A 521 24.08 4.45 -2.76
CA LEU A 521 25.00 5.51 -2.34
C LEU A 521 24.28 6.85 -2.25
N LYS A 522 23.38 7.12 -3.20
CA LYS A 522 22.70 8.40 -3.26
C LYS A 522 21.70 8.58 -2.13
N HIS A 523 21.28 7.50 -1.49
CA HIS A 523 20.22 7.60 -0.49
C HIS A 523 20.68 7.27 0.92
N ALA A 524 21.99 7.31 1.17
CA ALA A 524 22.46 7.20 2.54
C ALA A 524 21.84 8.32 3.39
N ASP A 525 21.73 8.07 4.69
CA ASP A 525 20.97 8.96 5.57
C ASP A 525 21.44 10.41 5.47
N ARG A 526 20.47 11.33 5.45
CA ARG A 526 20.72 12.74 5.19
C ARG A 526 20.44 13.64 6.40
N THR A 527 20.38 13.08 7.60
CA THR A 527 19.89 13.84 8.76
C THR A 527 20.70 15.12 9.00
N LEU A 528 22.03 15.01 9.04
CA LEU A 528 22.88 16.16 9.35
C LEU A 528 23.90 16.46 8.25
N THR A 529 23.82 15.79 7.10
CA THR A 529 24.94 15.87 6.15
C THR A 529 24.99 17.19 5.39
N HIS A 530 24.03 18.09 5.58
CA HIS A 530 24.08 19.41 5.00
C HIS A 530 24.79 20.43 5.89
N TYR A 531 25.08 20.08 7.14
CA TYR A 531 25.72 21.01 8.05
C TYR A 531 27.24 21.03 7.87
N ARG A 532 27.85 22.18 8.18
CA ARG A 532 29.29 22.36 8.06
C ARG A 532 29.79 23.25 9.20
N SER A 533 30.87 22.82 9.85
CA SER A 533 31.68 23.74 10.64
C SER A 533 32.66 24.47 9.73
N GLY A 534 33.23 25.55 10.24
CA GLY A 534 34.16 26.33 9.45
C GLY A 534 34.48 27.65 10.11
N PRO A 535 35.37 28.43 9.50
CA PRO A 535 35.84 29.67 10.15
C PRO A 535 34.73 30.64 10.49
N GLU A 536 33.62 30.64 9.74
CA GLU A 536 32.51 31.55 10.02
C GLU A 536 31.47 30.93 10.95
N GLY A 537 31.75 29.76 11.51
CA GLY A 537 30.79 29.08 12.37
C GLY A 537 29.96 28.06 11.64
N LEU A 538 28.86 27.67 12.28
CA LEU A 538 27.99 26.64 11.73
C LEU A 538 27.24 27.17 10.52
N SER A 539 27.22 26.39 9.43
CA SER A 539 26.51 26.78 8.22
C SER A 539 25.83 25.56 7.62
N GLU A 540 25.03 25.80 6.59
CA GLU A 540 24.34 24.74 5.88
C GLU A 540 24.60 24.87 4.39
N ARG A 541 24.84 23.75 3.74
CA ARG A 541 24.95 23.71 2.29
C ARG A 541 23.59 23.37 1.70
N SER A 542 23.21 24.10 0.64
CA SER A 542 21.92 23.91 0.00
C SER A 542 22.01 23.16 -1.31
N HIS A 543 23.19 23.02 -1.90
CA HIS A 543 23.31 22.34 -3.19
C HIS A 543 24.51 21.39 -3.18
#